data_2NZU
#
_entry.id   2NZU
#
_cell.length_a   68.630
_cell.length_b   68.630
_cell.length_c   230.251
_cell.angle_alpha   90.00
_cell.angle_beta   90.00
_cell.angle_gamma   90.00
#
_symmetry.space_group_name_H-M   'P 41 21 2'
#
loop_
_entity.id
_entity.type
_entity.pdbx_description
1 polymer 'Catabolite control protein'
2 polymer 'Phosphocarrier protein HPr'
3 non-polymer 6-O-phosphono-beta-D-glucopyranose
4 non-polymer 'SULFATE ION'
5 water water
#
loop_
_entity_poly.entity_id
_entity_poly.type
_entity_poly.pdbx_seq_one_letter_code
_entity_poly.pdbx_strand_id
1 'polypeptide(L)'
;RGLASKKTTTVGVIIPDISNIFYAELARGIEDIATMYKYNIILSNSDQNQDKELHLLNNMLGKQVDGIIFMSGNVTEEHV
EELKKSPVPVVLAASIESTNQIPSVTIDYEQAAFDAVQSLIDSGHKNIAFVSGTLEEPINHAKKVKGYKRALTESGLPVR
DSYIVEGDYTYDSGIEAVEKLLEEDEKPTAIFVGTDEMALGVIHGAQDRGLNVPNDLEIIGFDNTRLSTMVRPQLTSVVQ
PMYDIGAVAMRLLTKYMNKETVDSSIVQLPHRIEFRQSTK
;
G
2 'polypeptide(L)'
;MAQKTFTVTADSGIHARPATTLVQAASKFDSDINLEFNGKTVNLK(SEP)IMGVMSLGIQKGATITISAEGSDEADALAA
LEDTMSKEGLGE
;
L
#
# COMPACT_ATOMS: atom_id res chain seq x y z
N LYS A 6 0.88 -8.83 -33.16
CA LYS A 6 0.40 -9.70 -32.05
C LYS A 6 0.61 -9.02 -30.68
N LYS A 7 1.76 -8.38 -30.51
CA LYS A 7 2.09 -7.69 -29.26
C LYS A 7 2.42 -6.22 -29.48
N THR A 8 1.86 -5.38 -28.61
CA THR A 8 2.03 -3.92 -28.69
C THR A 8 2.98 -3.27 -27.68
N THR A 9 3.33 -4.00 -26.62
CA THR A 9 4.22 -3.48 -25.59
C THR A 9 3.52 -2.39 -24.77
N THR A 10 2.20 -2.46 -24.74
CA THR A 10 1.38 -1.52 -23.97
C THR A 10 0.41 -2.32 -23.11
N VAL A 11 0.40 -2.03 -21.82
CA VAL A 11 -0.49 -2.72 -20.89
C VAL A 11 -1.65 -1.81 -20.53
N GLY A 12 -2.81 -2.39 -20.28
CA GLY A 12 -3.97 -1.59 -19.91
C GLY A 12 -4.18 -1.63 -18.41
N VAL A 13 -4.58 -0.51 -17.83
CA VAL A 13 -4.82 -0.45 -16.39
C VAL A 13 -6.23 0.09 -16.14
N ILE A 14 -7.04 -0.69 -15.42
CA ILE A 14 -8.41 -0.27 -15.10
C ILE A 14 -8.38 0.21 -13.65
N ILE A 15 -8.89 1.41 -13.42
CA ILE A 15 -8.85 1.99 -12.09
C ILE A 15 -10.17 2.68 -11.71
N PRO A 16 -10.58 2.57 -10.44
CA PRO A 16 -11.86 3.23 -10.08
C PRO A 16 -11.88 4.74 -10.35
N ASP A 17 -10.90 5.47 -9.83
CA ASP A 17 -10.84 6.93 -10.03
C ASP A 17 -9.44 7.51 -9.86
N ILE A 18 -8.83 7.87 -10.98
CA ILE A 18 -7.50 8.42 -11.02
C ILE A 18 -7.28 9.71 -10.21
N SER A 19 -8.35 10.47 -9.97
CA SER A 19 -8.24 11.72 -9.20
C SER A 19 -8.10 11.46 -7.69
N ASN A 20 -8.31 10.23 -7.26
CA ASN A 20 -8.19 9.96 -5.86
C ASN A 20 -6.71 9.73 -5.60
N ILE A 21 -6.14 10.50 -4.66
CA ILE A 21 -4.72 10.41 -4.29
C ILE A 21 -4.28 8.94 -4.11
N PHE A 22 -5.13 8.13 -3.48
CA PHE A 22 -4.85 6.72 -3.26
C PHE A 22 -4.50 6.02 -4.59
N TYR A 23 -5.41 6.08 -5.57
CA TYR A 23 -5.19 5.44 -6.88
C TYR A 23 -4.15 6.17 -7.72
N ALA A 24 -4.07 7.49 -7.59
CA ALA A 24 -3.10 8.28 -8.34
C ALA A 24 -1.69 7.85 -7.94
N GLU A 25 -1.52 7.48 -6.68
CA GLU A 25 -0.21 7.05 -6.19
C GLU A 25 0.16 5.69 -6.80
N LEU A 26 -0.78 4.77 -6.82
CA LEU A 26 -0.55 3.45 -7.41
C LEU A 26 -0.23 3.58 -8.89
N ALA A 27 -0.94 4.48 -9.57
CA ALA A 27 -0.73 4.71 -11.00
C ALA A 27 0.69 5.19 -11.31
N ARG A 28 1.24 6.07 -10.46
CA ARG A 28 2.58 6.58 -10.67
C ARG A 28 3.62 5.45 -10.58
N GLY A 29 3.41 4.52 -9.65
CA GLY A 29 4.33 3.41 -9.52
C GLY A 29 4.25 2.51 -10.74
N ILE A 30 3.04 2.20 -11.16
CA ILE A 30 2.85 1.36 -12.34
C ILE A 30 3.54 2.00 -13.54
N GLU A 31 3.18 3.26 -13.80
CA GLU A 31 3.73 4.02 -14.90
C GLU A 31 5.24 4.06 -14.90
N ASP A 32 5.84 4.27 -13.73
CA ASP A 32 7.29 4.33 -13.65
C ASP A 32 7.94 3.03 -14.10
N ILE A 33 7.44 1.91 -13.57
CA ILE A 33 7.99 0.63 -13.90
C ILE A 33 7.70 0.25 -15.35
N ALA A 34 6.50 0.59 -15.84
CA ALA A 34 6.20 0.29 -17.24
C ALA A 34 7.25 0.99 -18.09
N THR A 35 7.51 2.25 -17.77
CA THR A 35 8.50 3.02 -18.50
C THR A 35 9.84 2.31 -18.45
N MET A 36 10.27 1.93 -17.25
CA MET A 36 11.53 1.23 -17.05
C MET A 36 11.66 0.03 -17.98
N TYR A 37 10.57 -0.72 -18.12
CA TYR A 37 10.56 -1.90 -18.97
C TYR A 37 9.94 -1.64 -20.35
N LYS A 38 10.09 -0.42 -20.83
CA LYS A 38 9.60 0.00 -22.14
C LYS A 38 8.15 -0.31 -22.51
N TYR A 39 7.22 -0.18 -21.58
CA TYR A 39 5.82 -0.44 -21.88
C TYR A 39 5.03 0.87 -21.87
N ASN A 40 3.86 0.84 -22.50
CA ASN A 40 2.97 1.99 -22.57
C ASN A 40 1.74 1.60 -21.78
N ILE A 41 1.05 2.59 -21.19
CA ILE A 41 -0.15 2.29 -20.41
C ILE A 41 -1.39 2.99 -20.96
N ILE A 42 -2.50 2.28 -20.90
CA ILE A 42 -3.79 2.81 -21.33
C ILE A 42 -4.66 2.81 -20.08
N LEU A 43 -4.70 3.95 -19.41
CA LEU A 43 -5.47 4.10 -18.19
C LEU A 43 -6.95 4.34 -18.49
N SER A 44 -7.82 3.81 -17.64
CA SER A 44 -9.25 3.98 -17.82
C SER A 44 -9.97 3.93 -16.47
N ASN A 45 -10.82 4.91 -16.23
CA ASN A 45 -11.56 5.00 -14.98
C ASN A 45 -12.85 4.22 -15.03
N SER A 46 -13.12 3.48 -13.97
CA SER A 46 -14.32 2.65 -13.90
C SER A 46 -15.32 3.13 -12.85
N ASP A 47 -14.83 3.88 -11.87
CA ASP A 47 -15.68 4.40 -10.81
C ASP A 47 -16.39 3.32 -9.99
N GLN A 48 -15.75 2.17 -9.81
CA GLN A 48 -16.34 1.08 -9.03
C GLN A 48 -17.66 0.58 -9.62
N ASN A 49 -17.80 0.69 -10.93
CA ASN A 49 -19.01 0.23 -11.58
C ASN A 49 -18.72 -1.11 -12.25
N GLN A 50 -19.24 -2.19 -11.65
CA GLN A 50 -19.01 -3.53 -12.19
C GLN A 50 -19.28 -3.63 -13.68
N ASP A 51 -20.38 -3.02 -14.13
CA ASP A 51 -20.70 -3.05 -15.56
C ASP A 51 -19.60 -2.36 -16.34
N LYS A 52 -19.21 -1.17 -15.90
CA LYS A 52 -18.15 -0.42 -16.57
C LYS A 52 -16.85 -1.21 -16.54
N GLU A 53 -16.55 -1.78 -15.38
CA GLU A 53 -15.33 -2.56 -15.18
C GLU A 53 -15.24 -3.72 -16.15
N LEU A 54 -16.28 -4.56 -16.18
CA LEU A 54 -16.29 -5.71 -17.07
C LEU A 54 -16.18 -5.27 -18.53
N HIS A 55 -16.86 -4.19 -18.88
CA HIS A 55 -16.80 -3.69 -20.25
C HIS A 55 -15.37 -3.26 -20.60
N LEU A 56 -14.77 -2.46 -19.74
CA LEU A 56 -13.42 -1.96 -19.98
C LEU A 56 -12.40 -3.08 -20.17
N LEU A 57 -12.74 -4.26 -19.68
CA LEU A 57 -11.85 -5.42 -19.79
C LEU A 57 -11.77 -5.81 -21.26
N ASN A 58 -12.92 -5.93 -21.90
CA ASN A 58 -12.95 -6.30 -23.30
C ASN A 58 -12.18 -5.27 -24.11
N ASN A 59 -12.54 -4.01 -23.93
CA ASN A 59 -11.88 -2.91 -24.63
C ASN A 59 -10.37 -3.10 -24.71
N MET A 60 -9.73 -3.25 -23.55
CA MET A 60 -8.28 -3.42 -23.48
C MET A 60 -7.80 -4.64 -24.26
N LEU A 61 -8.52 -5.75 -24.11
CA LEU A 61 -8.16 -6.98 -24.81
C LEU A 61 -8.44 -6.78 -26.30
N GLY A 62 -9.56 -6.12 -26.60
CA GLY A 62 -9.94 -5.86 -27.96
C GLY A 62 -9.02 -4.86 -28.65
N LYS A 63 -7.99 -4.43 -27.93
CA LYS A 63 -7.02 -3.48 -28.46
C LYS A 63 -5.66 -4.16 -28.29
N GLN A 64 -5.73 -5.47 -28.08
CA GLN A 64 -4.56 -6.32 -27.88
C GLN A 64 -3.40 -5.73 -27.07
N VAL A 65 -3.48 -5.87 -25.75
CA VAL A 65 -2.45 -5.37 -24.85
C VAL A 65 -1.69 -6.54 -24.24
N ASP A 66 -0.37 -6.37 -24.10
CA ASP A 66 0.50 -7.40 -23.53
C ASP A 66 0.21 -7.70 -22.06
N GLY A 67 -0.73 -6.95 -21.47
CA GLY A 67 -1.05 -7.17 -20.07
C GLY A 67 -2.16 -6.31 -19.53
N ILE A 68 -2.61 -6.64 -18.33
CA ILE A 68 -3.67 -5.89 -17.67
C ILE A 68 -3.46 -5.83 -16.16
N ILE A 69 -3.51 -4.61 -15.63
CA ILE A 69 -3.39 -4.41 -14.20
C ILE A 69 -4.78 -3.91 -13.82
N PHE A 70 -5.44 -4.64 -12.94
CA PHE A 70 -6.78 -4.30 -12.53
C PHE A 70 -6.86 -3.93 -11.05
N MET A 71 -7.59 -2.86 -10.76
CA MET A 71 -7.79 -2.38 -9.39
C MET A 71 -9.28 -2.18 -9.18
N SER A 72 -9.78 -2.60 -8.03
CA SER A 72 -11.21 -2.48 -7.75
C SER A 72 -11.50 -2.75 -6.30
N GLY A 73 -12.54 -2.10 -5.77
CA GLY A 73 -12.90 -2.30 -4.39
C GLY A 73 -13.70 -3.58 -4.23
N ASN A 74 -14.15 -4.14 -5.34
CA ASN A 74 -14.93 -5.37 -5.25
C ASN A 74 -14.76 -6.29 -6.45
N VAL A 75 -13.79 -7.22 -6.34
CA VAL A 75 -13.52 -8.18 -7.40
C VAL A 75 -14.42 -9.39 -7.12
N THR A 76 -15.57 -9.41 -7.79
CA THR A 76 -16.55 -10.48 -7.62
C THR A 76 -16.27 -11.72 -8.44
N GLU A 77 -16.97 -12.80 -8.09
CA GLU A 77 -16.82 -14.08 -8.79
C GLU A 77 -16.92 -13.90 -10.30
N GLU A 78 -17.83 -13.04 -10.73
CA GLU A 78 -18.00 -12.78 -12.15
C GLU A 78 -16.76 -12.11 -12.73
N HIS A 79 -16.14 -11.23 -11.95
CA HIS A 79 -14.93 -10.54 -12.40
C HIS A 79 -13.83 -11.57 -12.60
N VAL A 80 -13.65 -12.42 -11.59
CA VAL A 80 -12.64 -13.46 -11.61
C VAL A 80 -12.80 -14.37 -12.82
N GLU A 81 -14.04 -14.74 -13.12
CA GLU A 81 -14.31 -15.61 -14.25
C GLU A 81 -13.76 -15.02 -15.54
N GLU A 82 -14.10 -13.77 -15.82
CA GLU A 82 -13.63 -13.10 -17.03
C GLU A 82 -12.13 -12.86 -17.04
N LEU A 83 -11.55 -12.63 -15.86
CA LEU A 83 -10.13 -12.39 -15.76
C LEU A 83 -9.30 -13.66 -16.02
N LYS A 84 -9.88 -14.81 -15.71
CA LYS A 84 -9.19 -16.09 -15.94
C LYS A 84 -9.21 -16.40 -17.43
N LYS A 85 -10.26 -15.91 -18.10
CA LYS A 85 -10.45 -16.09 -19.54
C LYS A 85 -9.50 -15.24 -20.38
N SER A 86 -9.04 -14.12 -19.83
CA SER A 86 -8.13 -13.23 -20.54
C SER A 86 -6.94 -13.97 -21.15
N PRO A 87 -6.61 -13.64 -22.40
CA PRO A 87 -5.51 -14.22 -23.17
C PRO A 87 -4.15 -13.73 -22.68
N VAL A 88 -4.16 -12.64 -21.92
CA VAL A 88 -2.92 -12.06 -21.40
C VAL A 88 -2.85 -12.01 -19.88
N PRO A 89 -1.63 -11.92 -19.33
CA PRO A 89 -1.38 -11.86 -17.89
C PRO A 89 -2.10 -10.67 -17.23
N VAL A 90 -2.82 -10.96 -16.15
CA VAL A 90 -3.57 -9.98 -15.38
C VAL A 90 -3.10 -10.00 -13.93
N VAL A 91 -2.74 -8.83 -13.41
CA VAL A 91 -2.31 -8.74 -12.02
C VAL A 91 -3.16 -7.73 -11.28
N LEU A 92 -3.70 -8.14 -10.13
CA LEU A 92 -4.51 -7.27 -9.31
C LEU A 92 -3.63 -6.41 -8.39
N ALA A 93 -3.95 -5.13 -8.29
CA ALA A 93 -3.21 -4.20 -7.44
C ALA A 93 -4.15 -3.68 -6.36
N ALA A 94 -3.69 -3.73 -5.11
CA ALA A 94 -4.45 -3.25 -3.96
C ALA A 94 -5.91 -3.69 -3.97
N SER A 95 -6.15 -4.90 -4.49
CA SER A 95 -7.48 -5.48 -4.58
C SER A 95 -7.35 -6.96 -4.25
N ILE A 96 -8.44 -7.57 -3.78
CA ILE A 96 -8.41 -8.99 -3.41
C ILE A 96 -9.63 -9.82 -3.83
N GLU A 97 -9.37 -11.12 -4.03
CA GLU A 97 -10.42 -12.09 -4.34
C GLU A 97 -9.98 -13.36 -3.61
N SER A 98 -10.87 -13.87 -2.75
CA SER A 98 -10.60 -15.03 -1.90
C SER A 98 -9.86 -16.25 -2.43
N THR A 99 -10.15 -16.69 -3.66
CA THR A 99 -9.50 -17.87 -4.22
C THR A 99 -8.02 -17.77 -4.56
N ASN A 100 -7.52 -16.56 -4.72
CA ASN A 100 -6.11 -16.34 -5.05
C ASN A 100 -5.74 -16.93 -6.41
N GLN A 101 -6.73 -17.10 -7.27
CA GLN A 101 -6.48 -17.64 -8.60
C GLN A 101 -5.91 -16.59 -9.55
N ILE A 102 -6.12 -15.32 -9.22
CA ILE A 102 -5.62 -14.24 -10.04
C ILE A 102 -4.47 -13.57 -9.30
N PRO A 103 -3.33 -13.38 -9.98
CA PRO A 103 -2.15 -12.76 -9.36
C PRO A 103 -2.50 -11.42 -8.75
N SER A 104 -1.87 -11.08 -7.63
CA SER A 104 -2.17 -9.83 -6.98
C SER A 104 -1.05 -9.37 -6.06
N VAL A 105 -0.95 -8.05 -5.92
CA VAL A 105 0.05 -7.41 -5.05
C VAL A 105 -0.74 -6.50 -4.10
N THR A 106 -0.53 -6.69 -2.79
CA THR A 106 -1.24 -5.93 -1.75
C THR A 106 -0.37 -5.97 -0.50
N ILE A 107 -0.99 -5.75 0.66
CA ILE A 107 -0.29 -5.92 1.94
C ILE A 107 -1.22 -6.84 2.72
N ASP A 108 -0.80 -7.29 3.88
CA ASP A 108 -1.65 -8.17 4.68
C ASP A 108 -2.62 -7.28 5.44
N TYR A 109 -3.71 -6.88 4.80
CA TYR A 109 -4.70 -6.00 5.42
C TYR A 109 -5.18 -6.45 6.80
N GLU A 110 -5.63 -7.69 6.89
CA GLU A 110 -6.12 -8.23 8.15
C GLU A 110 -5.08 -8.10 9.25
N GLN A 111 -3.82 -8.41 8.94
CA GLN A 111 -2.73 -8.33 9.94
C GLN A 111 -2.39 -6.91 10.33
N ALA A 112 -2.50 -5.99 9.37
CA ALA A 112 -2.20 -4.58 9.58
C ALA A 112 -3.29 -3.93 10.44
N ALA A 113 -4.54 -4.31 10.24
CA ALA A 113 -5.62 -3.74 11.04
C ALA A 113 -5.39 -4.21 12.47
N PHE A 114 -5.08 -5.50 12.61
CA PHE A 114 -4.83 -6.06 13.91
C PHE A 114 -3.69 -5.35 14.64
N ASP A 115 -2.54 -5.21 13.98
CA ASP A 115 -1.41 -4.53 14.62
C ASP A 115 -1.80 -3.13 15.08
N ALA A 116 -2.62 -2.46 14.28
CA ALA A 116 -3.05 -1.10 14.58
C ALA A 116 -3.82 -1.04 15.89
N VAL A 117 -4.84 -1.89 15.98
CA VAL A 117 -5.69 -1.94 17.16
C VAL A 117 -4.92 -2.44 18.38
N GLN A 118 -4.07 -3.43 18.17
CA GLN A 118 -3.26 -4.00 19.24
C GLN A 118 -2.38 -2.94 19.91
N SER A 119 -1.89 -1.98 19.14
CA SER A 119 -1.04 -0.94 19.72
C SER A 119 -1.89 -0.01 20.57
N LEU A 120 -3.17 0.10 20.22
CA LEU A 120 -4.06 0.96 20.98
C LEU A 120 -4.41 0.23 22.27
N ILE A 121 -4.52 -1.10 22.20
CA ILE A 121 -4.82 -1.88 23.38
C ILE A 121 -3.60 -1.87 24.31
N ASP A 122 -2.41 -2.04 23.74
CA ASP A 122 -1.17 -2.04 24.51
C ASP A 122 -1.00 -0.70 25.21
N SER A 123 -1.68 0.31 24.70
CA SER A 123 -1.59 1.65 25.26
C SER A 123 -2.61 1.87 26.37
N GLY A 124 -3.35 0.82 26.71
CA GLY A 124 -4.34 0.91 27.78
C GLY A 124 -5.77 1.23 27.36
N HIS A 125 -6.10 1.00 26.09
CA HIS A 125 -7.45 1.29 25.60
C HIS A 125 -8.34 0.07 25.63
N LYS A 126 -9.57 0.23 26.11
CA LYS A 126 -10.52 -0.88 26.18
C LYS A 126 -11.73 -0.62 25.28
N ASN A 127 -12.04 0.65 25.06
CA ASN A 127 -13.15 1.04 24.20
C ASN A 127 -12.56 1.63 22.92
N ILE A 128 -12.39 0.77 21.92
CA ILE A 128 -11.80 1.14 20.65
C ILE A 128 -12.80 0.96 19.51
N ALA A 129 -13.01 2.01 18.73
CA ALA A 129 -13.95 1.95 17.61
C ALA A 129 -13.23 1.81 16.28
N PHE A 130 -14.01 1.60 15.22
CA PHE A 130 -13.45 1.47 13.89
C PHE A 130 -14.33 2.18 12.87
N VAL A 131 -13.82 3.26 12.29
CA VAL A 131 -14.53 3.99 11.26
C VAL A 131 -14.04 3.35 9.95
N SER A 132 -14.94 2.64 9.27
CA SER A 132 -14.59 1.93 8.04
C SER A 132 -15.16 2.49 6.75
N GLY A 133 -14.54 2.09 5.66
CA GLY A 133 -15.03 2.50 4.35
C GLY A 133 -16.16 1.54 4.01
N THR A 134 -16.75 1.70 2.82
CA THR A 134 -17.86 0.85 2.38
C THR A 134 -17.66 -0.59 2.83
N LEU A 135 -18.49 -1.01 3.79
CA LEU A 135 -18.43 -2.36 4.35
C LEU A 135 -18.59 -3.50 3.35
N GLU A 136 -19.21 -3.21 2.20
CA GLU A 136 -19.44 -4.23 1.18
C GLU A 136 -18.14 -4.73 0.56
N GLU A 137 -17.18 -3.83 0.40
CA GLU A 137 -15.88 -4.17 -0.17
C GLU A 137 -15.10 -5.12 0.72
N PRO A 138 -14.76 -6.32 0.19
CA PRO A 138 -14.02 -7.35 0.93
C PRO A 138 -12.80 -6.93 1.73
N ILE A 139 -12.03 -5.94 1.28
CA ILE A 139 -10.87 -5.52 2.05
C ILE A 139 -11.36 -4.99 3.41
N ASN A 140 -12.57 -4.45 3.42
CA ASN A 140 -13.14 -3.92 4.64
C ASN A 140 -13.78 -4.99 5.53
N HIS A 141 -14.86 -5.61 5.05
CA HIS A 141 -15.53 -6.61 5.88
C HIS A 141 -14.78 -7.92 6.06
N ALA A 142 -14.00 -8.30 5.06
CA ALA A 142 -13.22 -9.55 5.14
C ALA A 142 -11.88 -9.41 5.83
N LYS A 143 -11.24 -8.25 5.74
CA LYS A 143 -9.93 -8.06 6.33
C LYS A 143 -9.78 -7.06 7.45
N LYS A 144 -9.92 -5.78 7.13
CA LYS A 144 -9.77 -4.74 8.13
C LYS A 144 -10.69 -4.94 9.33
N VAL A 145 -11.95 -5.22 9.07
CA VAL A 145 -12.89 -5.44 10.17
C VAL A 145 -12.44 -6.62 11.01
N LYS A 146 -12.14 -7.74 10.36
CA LYS A 146 -11.69 -8.94 11.06
C LYS A 146 -10.39 -8.75 11.84
N GLY A 147 -9.48 -7.96 11.31
CA GLY A 147 -8.24 -7.72 12.03
C GLY A 147 -8.56 -6.92 13.27
N TYR A 148 -9.49 -5.98 13.13
CA TYR A 148 -9.91 -5.15 14.25
C TYR A 148 -10.60 -6.00 15.30
N LYS A 149 -11.50 -6.86 14.88
CA LYS A 149 -12.22 -7.70 15.82
C LYS A 149 -11.31 -8.69 16.52
N ARG A 150 -10.44 -9.33 15.75
CA ARG A 150 -9.49 -10.31 16.29
C ARG A 150 -8.59 -9.70 17.35
N ALA A 151 -8.17 -8.46 17.16
CA ALA A 151 -7.32 -7.82 18.15
C ALA A 151 -8.12 -7.66 19.43
N LEU A 152 -9.41 -7.37 19.29
CA LEU A 152 -10.26 -7.19 20.44
C LEU A 152 -10.46 -8.51 21.18
N THR A 153 -10.98 -9.51 20.48
CA THR A 153 -11.23 -10.78 21.15
C THR A 153 -10.00 -11.37 21.81
N GLU A 154 -8.88 -11.42 21.09
CA GLU A 154 -7.66 -12.00 21.66
C GLU A 154 -7.24 -11.35 22.96
N SER A 155 -7.64 -10.10 23.17
CA SER A 155 -7.30 -9.40 24.41
C SER A 155 -8.48 -9.51 25.36
N GLY A 156 -9.46 -10.32 24.98
CA GLY A 156 -10.64 -10.50 25.78
C GLY A 156 -11.38 -9.20 26.01
N LEU A 157 -11.72 -8.52 24.92
CA LEU A 157 -12.47 -7.28 25.00
C LEU A 157 -13.77 -7.51 24.23
N PRO A 158 -14.79 -6.71 24.53
CA PRO A 158 -16.07 -6.86 23.82
C PRO A 158 -15.99 -6.42 22.37
N VAL A 159 -16.76 -7.06 21.51
CA VAL A 159 -16.81 -6.73 20.10
C VAL A 159 -18.20 -6.17 19.78
N ARG A 160 -18.41 -4.90 20.12
CA ARG A 160 -19.66 -4.19 19.91
C ARG A 160 -19.79 -3.66 18.48
N ASP A 161 -20.91 -3.94 17.84
CA ASP A 161 -21.17 -3.52 16.47
C ASP A 161 -21.49 -2.03 16.34
N SER A 162 -21.87 -1.40 17.44
CA SER A 162 -22.17 0.03 17.41
C SER A 162 -20.87 0.82 17.45
N TYR A 163 -19.76 0.10 17.61
CA TYR A 163 -18.44 0.71 17.67
C TYR A 163 -17.81 0.72 16.29
N ILE A 164 -18.53 0.18 15.32
CA ILE A 164 -18.07 0.12 13.94
C ILE A 164 -19.04 0.91 13.09
N VAL A 165 -18.62 2.06 12.57
CA VAL A 165 -19.51 2.84 11.72
C VAL A 165 -18.84 2.95 10.36
N GLU A 166 -19.63 2.85 9.30
CA GLU A 166 -19.04 2.94 7.99
C GLU A 166 -19.12 4.32 7.33
N GLY A 167 -18.02 4.72 6.73
CA GLY A 167 -17.98 5.98 6.02
C GLY A 167 -18.02 5.62 4.54
N ASP A 168 -17.62 6.56 3.69
CA ASP A 168 -17.60 6.32 2.27
C ASP A 168 -16.31 6.82 1.66
N TYR A 169 -15.27 6.89 2.51
CA TYR A 169 -13.93 7.33 2.13
C TYR A 169 -13.75 8.83 2.03
N THR A 170 -14.84 9.58 2.12
CA THR A 170 -14.75 11.03 2.03
C THR A 170 -14.46 11.62 3.40
N TYR A 171 -13.78 12.76 3.38
CA TYR A 171 -13.39 13.47 4.58
C TYR A 171 -14.61 13.79 5.44
N ASP A 172 -15.73 14.08 4.80
CA ASP A 172 -16.96 14.40 5.52
C ASP A 172 -17.51 13.20 6.28
N SER A 173 -17.48 12.02 5.66
CA SER A 173 -17.99 10.83 6.33
C SER A 173 -17.17 10.60 7.58
N GLY A 174 -15.92 11.04 7.54
CA GLY A 174 -15.05 10.89 8.69
C GLY A 174 -15.61 11.75 9.81
N ILE A 175 -16.10 12.94 9.47
CA ILE A 175 -16.69 13.85 10.44
C ILE A 175 -17.98 13.26 11.03
N GLU A 176 -18.87 12.82 10.15
CA GLU A 176 -20.14 12.20 10.53
C GLU A 176 -19.96 10.96 11.40
N ALA A 177 -18.86 10.25 11.17
CA ALA A 177 -18.58 9.03 11.91
C ALA A 177 -18.21 9.29 13.36
N VAL A 178 -17.41 10.31 13.61
CA VAL A 178 -17.02 10.60 14.99
C VAL A 178 -18.22 11.09 15.78
N GLU A 179 -19.01 11.96 15.16
CA GLU A 179 -20.18 12.47 15.84
C GLU A 179 -21.09 11.31 16.22
N LYS A 180 -21.32 10.38 15.30
CA LYS A 180 -22.17 9.25 15.62
C LYS A 180 -21.54 8.44 16.74
N LEU A 181 -20.23 8.22 16.66
CA LEU A 181 -19.53 7.46 17.69
C LEU A 181 -19.56 8.19 19.03
N LEU A 182 -19.59 9.52 19.00
CA LEU A 182 -19.59 10.29 20.24
C LEU A 182 -20.97 10.31 20.89
N GLU A 183 -21.99 9.90 20.14
CA GLU A 183 -23.35 9.84 20.66
C GLU A 183 -23.51 8.59 21.51
N GLU A 184 -22.55 7.68 21.44
CA GLU A 184 -22.57 6.43 22.19
C GLU A 184 -22.43 6.72 23.69
N ASP A 185 -23.11 5.93 24.53
CA ASP A 185 -23.02 6.13 25.98
C ASP A 185 -21.60 5.89 26.45
N GLU A 186 -21.05 4.74 26.10
CA GLU A 186 -19.67 4.42 26.46
C GLU A 186 -18.79 4.98 25.34
N LYS A 187 -18.30 6.20 25.51
CA LYS A 187 -17.48 6.83 24.49
C LYS A 187 -16.18 6.09 24.25
N PRO A 188 -15.79 5.93 22.96
CA PRO A 188 -14.55 5.23 22.64
C PRO A 188 -13.43 6.19 23.05
N THR A 189 -12.27 5.65 23.36
CA THR A 189 -11.16 6.49 23.75
C THR A 189 -10.12 6.52 22.63
N ALA A 190 -10.25 5.55 21.74
CA ALA A 190 -9.37 5.41 20.59
C ALA A 190 -10.21 5.01 19.39
N ILE A 191 -9.78 5.45 18.21
CA ILE A 191 -10.50 5.15 16.97
C ILE A 191 -9.52 4.78 15.86
N PHE A 192 -9.77 3.65 15.23
CA PHE A 192 -8.97 3.17 14.13
C PHE A 192 -9.83 3.54 12.91
N VAL A 193 -9.24 4.29 11.98
CA VAL A 193 -9.95 4.69 10.76
C VAL A 193 -9.31 3.96 9.58
N GLY A 194 -10.14 3.39 8.69
CA GLY A 194 -9.61 2.64 7.58
C GLY A 194 -9.00 3.41 6.41
N THR A 195 -8.84 4.72 6.57
CA THR A 195 -8.32 5.54 5.47
C THR A 195 -7.90 6.87 6.02
N ASP A 196 -6.80 7.40 5.51
CA ASP A 196 -6.27 8.70 5.97
C ASP A 196 -7.24 9.88 5.80
N GLU A 197 -7.91 9.96 4.66
CA GLU A 197 -8.83 11.08 4.45
C GLU A 197 -9.94 11.08 5.46
N MET A 198 -10.48 9.91 5.78
CA MET A 198 -11.54 9.83 6.77
C MET A 198 -10.95 10.13 8.15
N ALA A 199 -9.73 9.70 8.40
CA ALA A 199 -9.13 9.95 9.70
C ALA A 199 -8.96 11.45 9.95
N LEU A 200 -8.78 12.23 8.89
CA LEU A 200 -8.63 13.67 9.05
C LEU A 200 -9.99 14.22 9.47
N GLY A 201 -11.05 13.70 8.86
CA GLY A 201 -12.39 14.12 9.18
C GLY A 201 -12.75 13.72 10.61
N VAL A 202 -12.26 12.56 11.04
CA VAL A 202 -12.50 12.10 12.40
C VAL A 202 -11.77 13.01 13.38
N ILE A 203 -10.54 13.39 13.03
CA ILE A 203 -9.76 14.27 13.88
C ILE A 203 -10.41 15.65 13.99
N HIS A 204 -10.83 16.19 12.85
CA HIS A 204 -11.45 17.51 12.81
C HIS A 204 -12.81 17.52 13.45
N GLY A 205 -13.62 16.52 13.14
CA GLY A 205 -14.95 16.42 13.70
C GLY A 205 -14.92 16.41 15.22
N ALA A 206 -13.84 15.86 15.78
CA ALA A 206 -13.67 15.77 17.23
C ALA A 206 -13.09 17.05 17.83
N GLN A 207 -12.30 17.77 17.05
CA GLN A 207 -11.72 19.01 17.54
C GLN A 207 -12.80 20.08 17.46
N ASP A 208 -13.75 19.91 16.54
CA ASP A 208 -14.87 20.84 16.39
C ASP A 208 -15.84 20.63 17.55
N ARG A 209 -15.80 19.43 18.13
CA ARG A 209 -16.66 19.09 19.26
C ARG A 209 -15.88 19.45 20.52
N GLY A 210 -14.73 20.08 20.32
CA GLY A 210 -13.92 20.49 21.44
C GLY A 210 -12.95 19.50 22.05
N LEU A 211 -13.07 18.21 21.74
CA LEU A 211 -12.15 17.23 22.32
C LEU A 211 -10.75 17.39 21.74
N ASN A 212 -9.76 16.92 22.48
CA ASN A 212 -8.37 17.01 22.08
C ASN A 212 -7.78 15.66 21.67
N VAL A 213 -7.08 15.66 20.54
CA VAL A 213 -6.42 14.45 20.05
C VAL A 213 -4.95 14.71 20.34
N PRO A 214 -4.24 13.75 20.94
CA PRO A 214 -4.69 12.42 21.38
C PRO A 214 -5.12 12.30 22.85
N ASN A 215 -5.16 13.40 23.58
CA ASN A 215 -5.51 13.33 25.00
C ASN A 215 -6.88 12.76 25.32
N ASP A 216 -7.91 13.25 24.66
CA ASP A 216 -9.27 12.76 24.89
C ASP A 216 -9.57 11.55 23.99
N LEU A 217 -8.93 11.52 22.83
CA LEU A 217 -9.20 10.48 21.85
C LEU A 217 -7.96 10.22 20.98
N GLU A 218 -7.48 8.98 20.94
CA GLU A 218 -6.34 8.64 20.10
C GLU A 218 -6.91 8.11 18.78
N ILE A 219 -6.18 8.37 17.69
CA ILE A 219 -6.60 7.97 16.36
C ILE A 219 -5.47 7.40 15.49
N ILE A 220 -5.81 6.43 14.65
CA ILE A 220 -4.87 5.82 13.74
C ILE A 220 -5.53 5.65 12.39
N GLY A 221 -4.82 6.04 11.33
CA GLY A 221 -5.36 5.95 9.99
C GLY A 221 -4.75 4.81 9.21
N PHE A 222 -4.99 4.80 7.91
CA PHE A 222 -4.48 3.71 7.09
C PHE A 222 -4.07 4.20 5.70
N ASP A 223 -2.87 3.80 5.28
CA ASP A 223 -2.27 4.13 3.96
C ASP A 223 -1.04 4.99 4.09
N ASN A 224 -1.03 5.86 5.08
CA ASN A 224 0.10 6.74 5.31
C ASN A 224 0.35 7.61 4.06
N THR A 225 -0.72 8.21 3.56
CA THR A 225 -0.62 9.09 2.40
C THR A 225 0.04 10.38 2.89
N ARG A 226 0.10 11.36 2.00
CA ARG A 226 0.70 12.63 2.36
C ARG A 226 -0.19 13.43 3.32
N LEU A 227 -1.47 13.07 3.35
CA LEU A 227 -2.41 13.76 4.24
C LEU A 227 -2.03 13.57 5.70
N SER A 228 -1.41 12.43 6.02
CA SER A 228 -1.01 12.12 7.38
C SER A 228 -0.11 13.17 8.02
N THR A 229 0.68 13.85 7.20
CA THR A 229 1.59 14.87 7.69
C THR A 229 1.02 16.25 7.48
N MET A 230 -0.11 16.34 6.79
CA MET A 230 -0.74 17.63 6.53
C MET A 230 -1.89 17.88 7.51
N VAL A 231 -1.79 17.28 8.70
CA VAL A 231 -2.80 17.46 9.74
C VAL A 231 -2.08 17.83 11.01
N ARG A 232 -2.84 18.40 11.94
CA ARG A 232 -2.30 18.77 13.23
C ARG A 232 -3.37 18.33 14.24
N PRO A 233 -3.04 17.33 15.08
CA PRO A 233 -1.77 16.62 15.16
C PRO A 233 -1.47 15.77 13.91
N GLN A 234 -0.21 15.39 13.74
CA GLN A 234 0.16 14.56 12.59
C GLN A 234 -0.35 13.15 12.85
N LEU A 235 -1.09 12.63 11.88
CA LEU A 235 -1.70 11.32 11.98
C LEU A 235 -0.82 10.09 12.04
N THR A 236 -1.00 9.28 13.07
CA THR A 236 -0.29 8.01 13.17
C THR A 236 -1.03 7.17 12.14
N SER A 237 -0.30 6.47 11.27
CA SER A 237 -0.99 5.74 10.21
C SER A 237 -0.32 4.44 9.82
N VAL A 238 -1.14 3.44 9.47
CA VAL A 238 -0.64 2.15 9.04
C VAL A 238 -0.07 2.38 7.66
N VAL A 239 1.11 1.84 7.41
CA VAL A 239 1.74 2.08 6.12
C VAL A 239 1.46 1.09 5.00
N GLN A 240 0.82 1.57 3.93
CA GLN A 240 0.59 0.73 2.75
C GLN A 240 1.38 1.48 1.68
N PRO A 241 2.44 0.85 1.13
CA PRO A 241 3.27 1.50 0.09
C PRO A 241 2.56 1.54 -1.27
N MET A 242 1.68 2.53 -1.44
CA MET A 242 0.91 2.71 -2.66
C MET A 242 1.75 2.60 -3.91
N TYR A 243 2.83 3.37 -3.96
CA TYR A 243 3.71 3.38 -5.12
C TYR A 243 4.33 2.00 -5.35
N ASP A 244 4.90 1.40 -4.30
CA ASP A 244 5.53 0.09 -4.39
C ASP A 244 4.50 -0.92 -4.90
N ILE A 245 3.27 -0.83 -4.40
CA ILE A 245 2.26 -1.77 -4.83
C ILE A 245 2.02 -1.67 -6.33
N GLY A 246 1.96 -0.46 -6.86
CA GLY A 246 1.77 -0.29 -8.28
C GLY A 246 3.02 -0.74 -9.03
N ALA A 247 4.18 -0.32 -8.54
CA ALA A 247 5.47 -0.67 -9.14
C ALA A 247 5.68 -2.17 -9.19
N VAL A 248 5.56 -2.82 -8.04
CA VAL A 248 5.74 -4.26 -7.94
C VAL A 248 4.67 -5.03 -8.72
N ALA A 249 3.45 -4.51 -8.76
CA ALA A 249 2.38 -5.18 -9.49
C ALA A 249 2.68 -5.14 -10.97
N MET A 250 3.38 -4.10 -11.40
CA MET A 250 3.76 -3.94 -12.79
C MET A 250 4.94 -4.89 -13.08
N ARG A 251 5.92 -4.89 -12.19
CA ARG A 251 7.07 -5.75 -12.35
C ARG A 251 6.61 -7.20 -12.43
N LEU A 252 5.73 -7.59 -11.52
CA LEU A 252 5.23 -8.95 -11.52
C LEU A 252 4.63 -9.23 -12.89
N LEU A 253 3.95 -8.24 -13.44
CA LEU A 253 3.31 -8.37 -14.74
C LEU A 253 4.34 -8.52 -15.86
N THR A 254 5.45 -7.79 -15.77
CA THR A 254 6.47 -7.90 -16.81
C THR A 254 7.11 -9.28 -16.73
N LYS A 255 7.08 -9.90 -15.55
CA LYS A 255 7.65 -11.23 -15.40
C LYS A 255 6.79 -12.23 -16.13
N TYR A 256 5.48 -12.10 -16.01
CA TYR A 256 4.56 -12.99 -16.69
C TYR A 256 4.61 -12.73 -18.20
N MET A 257 4.66 -11.45 -18.58
CA MET A 257 4.67 -11.07 -20.00
C MET A 257 5.89 -11.56 -20.74
N ASN A 258 7.05 -11.44 -20.10
CA ASN A 258 8.32 -11.86 -20.68
C ASN A 258 8.68 -13.27 -20.25
N LYS A 259 7.71 -13.95 -19.65
CA LYS A 259 7.91 -15.31 -19.16
C LYS A 259 9.21 -15.50 -18.36
N GLU A 260 9.31 -14.78 -17.24
CA GLU A 260 10.48 -14.88 -16.37
C GLU A 260 10.10 -15.79 -15.20
N THR A 261 11.04 -16.02 -14.28
CA THR A 261 10.78 -16.85 -13.11
C THR A 261 9.98 -16.10 -12.05
N VAL A 262 8.80 -16.62 -11.75
CA VAL A 262 7.90 -16.05 -10.76
C VAL A 262 7.89 -16.89 -9.49
N ASP A 263 8.27 -16.28 -8.37
CA ASP A 263 8.30 -16.97 -7.10
C ASP A 263 6.88 -17.20 -6.56
N SER A 264 6.02 -16.19 -6.67
CA SER A 264 4.64 -16.27 -6.20
C SER A 264 3.77 -15.22 -6.88
N SER A 265 2.54 -15.57 -7.22
CA SER A 265 1.62 -14.64 -7.87
C SER A 265 0.77 -13.93 -6.81
N ILE A 266 0.98 -14.30 -5.56
CA ILE A 266 0.28 -13.71 -4.45
C ILE A 266 1.34 -13.01 -3.61
N VAL A 267 1.40 -11.69 -3.75
CA VAL A 267 2.40 -10.89 -3.05
C VAL A 267 1.79 -9.94 -2.03
N GLN A 268 2.41 -9.90 -0.85
CA GLN A 268 2.01 -9.03 0.24
C GLN A 268 3.24 -8.30 0.71
N LEU A 269 3.37 -7.04 0.31
CA LEU A 269 4.51 -6.24 0.69
C LEU A 269 4.46 -5.99 2.18
N PRO A 270 5.62 -5.68 2.78
CA PRO A 270 5.64 -5.43 4.22
C PRO A 270 4.84 -4.18 4.60
N HIS A 271 4.29 -4.18 5.81
CA HIS A 271 3.56 -3.01 6.29
C HIS A 271 4.13 -2.71 7.66
N ARG A 272 3.89 -1.50 8.14
CA ARG A 272 4.36 -1.11 9.45
C ARG A 272 3.45 0.05 9.85
N ILE A 273 3.75 0.68 10.97
CA ILE A 273 2.96 1.79 11.44
C ILE A 273 3.86 2.97 11.70
N GLU A 274 3.49 4.12 11.16
CA GLU A 274 4.24 5.33 11.38
C GLU A 274 3.56 6.03 12.55
N PHE A 275 4.19 6.01 13.71
CA PHE A 275 3.62 6.67 14.87
C PHE A 275 3.96 8.15 14.85
N ARG A 276 2.92 9.00 14.93
CA ARG A 276 3.12 10.43 14.93
C ARG A 276 2.48 11.09 16.15
N GLN A 277 1.58 12.04 15.94
CA GLN A 277 0.98 12.73 17.08
C GLN A 277 -0.46 12.36 17.46
N SER A 278 -1.21 11.74 16.56
CA SER A 278 -2.59 11.38 16.88
C SER A 278 -2.68 10.26 17.92
N THR A 279 -1.52 9.72 18.30
CA THR A 279 -1.43 8.69 19.34
C THR A 279 -0.43 9.16 20.39
N LYS A 280 -0.49 8.57 21.58
CA LYS A 280 0.43 8.97 22.64
C LYS A 280 1.64 8.05 22.71
N ALA B 2 34.72 -3.93 -1.91
CA ALA B 2 33.65 -4.67 -2.63
C ALA B 2 32.29 -4.44 -1.96
N GLN B 3 32.20 -3.40 -1.13
CA GLN B 3 30.94 -3.08 -0.45
C GLN B 3 31.03 -1.90 0.51
N LYS B 4 29.87 -1.31 0.80
CA LYS B 4 29.78 -0.17 1.70
C LYS B 4 28.51 -0.30 2.56
N THR B 5 28.57 0.22 3.78
CA THR B 5 27.42 0.15 4.67
C THR B 5 26.88 1.54 4.97
N PHE B 6 25.55 1.64 5.10
CA PHE B 6 24.90 2.91 5.37
C PHE B 6 23.80 2.78 6.40
N THR B 7 23.29 3.94 6.80
CA THR B 7 22.18 4.06 7.73
C THR B 7 21.19 4.90 6.93
N VAL B 8 20.00 4.36 6.69
CA VAL B 8 19.01 5.09 5.91
C VAL B 8 18.46 6.29 6.68
N THR B 9 18.53 7.45 6.05
CA THR B 9 18.06 8.70 6.66
C THR B 9 16.69 9.10 6.13
N ALA B 10 16.38 8.67 4.91
CA ALA B 10 15.10 8.99 4.30
C ALA B 10 14.00 8.61 5.28
N ASP B 11 13.09 9.54 5.54
CA ASP B 11 11.98 9.29 6.45
C ASP B 11 11.06 8.23 5.86
N SER B 12 11.05 8.15 4.52
CA SER B 12 10.22 7.19 3.81
C SER B 12 10.97 5.88 3.62
N GLY B 13 12.22 5.86 4.09
CA GLY B 13 13.03 4.67 3.94
C GLY B 13 13.28 4.43 2.46
N ILE B 14 13.64 3.20 2.08
CA ILE B 14 13.91 2.86 0.70
C ILE B 14 12.62 2.40 0.03
N HIS B 15 11.85 3.34 -0.49
CA HIS B 15 10.57 3.03 -1.13
C HIS B 15 10.26 4.02 -2.22
N ALA B 16 9.18 3.75 -2.93
CA ALA B 16 8.71 4.62 -3.99
C ALA B 16 9.82 5.00 -4.97
N ARG B 17 9.64 6.13 -5.65
CA ARG B 17 10.60 6.61 -6.63
C ARG B 17 12.05 6.57 -6.18
N PRO B 18 12.37 7.04 -4.95
CA PRO B 18 13.77 6.99 -4.54
C PRO B 18 14.30 5.55 -4.54
N ALA B 19 13.40 4.57 -4.50
CA ALA B 19 13.79 3.17 -4.52
C ALA B 19 13.91 2.73 -5.97
N THR B 20 13.08 3.29 -6.83
CA THR B 20 13.12 2.96 -8.25
C THR B 20 14.40 3.56 -8.81
N THR B 21 14.83 4.66 -8.21
CA THR B 21 16.05 5.34 -8.65
C THR B 21 17.30 4.55 -8.24
N LEU B 22 17.29 4.02 -7.02
CA LEU B 22 18.43 3.27 -6.54
C LEU B 22 18.56 1.97 -7.30
N VAL B 23 17.44 1.45 -7.79
CA VAL B 23 17.44 0.21 -8.57
C VAL B 23 18.00 0.51 -9.94
N GLN B 24 17.43 1.55 -10.56
CA GLN B 24 17.84 2.00 -11.89
C GLN B 24 19.37 2.13 -11.93
N ALA B 25 19.92 2.80 -10.92
CA ALA B 25 21.35 3.04 -10.80
C ALA B 25 22.18 1.76 -10.76
N ALA B 26 21.89 0.84 -9.83
CA ALA B 26 22.65 -0.39 -9.76
C ALA B 26 22.55 -1.18 -11.06
N SER B 27 21.41 -1.09 -11.73
CA SER B 27 21.16 -1.81 -12.98
C SER B 27 22.06 -1.35 -14.13
N LYS B 28 22.61 -0.14 -14.01
CA LYS B 28 23.49 0.41 -15.05
C LYS B 28 24.91 -0.15 -15.00
N PHE B 29 25.11 -1.22 -14.23
CA PHE B 29 26.43 -1.82 -14.11
C PHE B 29 26.49 -3.27 -14.56
N ASP B 30 27.70 -3.85 -14.49
CA ASP B 30 27.95 -5.23 -14.89
C ASP B 30 28.09 -6.13 -13.68
N SER B 31 28.74 -5.61 -12.64
CA SER B 31 28.95 -6.35 -11.41
C SER B 31 27.64 -6.89 -10.86
N ASP B 32 27.74 -7.64 -9.76
CA ASP B 32 26.56 -8.19 -9.13
C ASP B 32 26.34 -7.42 -7.84
N ILE B 33 25.37 -6.51 -7.86
CA ILE B 33 25.07 -5.68 -6.71
C ILE B 33 23.93 -6.27 -5.90
N ASN B 34 24.13 -6.34 -4.60
CA ASN B 34 23.11 -6.87 -3.70
C ASN B 34 22.92 -5.91 -2.53
N LEU B 35 21.81 -6.12 -1.82
CA LEU B 35 21.46 -5.32 -0.66
C LEU B 35 21.33 -6.26 0.53
N GLU B 36 22.03 -5.92 1.61
CA GLU B 36 22.03 -6.73 2.82
C GLU B 36 21.22 -5.96 3.86
N PHE B 37 20.16 -6.59 4.38
CA PHE B 37 19.31 -5.96 5.38
C PHE B 37 18.69 -6.96 6.34
N ASN B 38 18.85 -6.71 7.64
CA ASN B 38 18.30 -7.56 8.69
C ASN B 38 18.64 -9.04 8.47
N GLY B 39 19.78 -9.29 7.85
CA GLY B 39 20.18 -10.67 7.59
C GLY B 39 19.57 -11.22 6.32
N LYS B 40 19.17 -10.32 5.42
CA LYS B 40 18.58 -10.74 4.15
C LYS B 40 19.24 -10.01 3.00
N THR B 41 19.69 -10.77 2.01
CA THR B 41 20.36 -10.18 0.85
C THR B 41 19.53 -10.37 -0.42
N VAL B 42 19.42 -9.31 -1.20
CA VAL B 42 18.65 -9.34 -2.43
C VAL B 42 19.41 -8.65 -3.57
N ASN B 43 18.93 -8.85 -4.78
CA ASN B 43 19.55 -8.23 -5.95
C ASN B 43 19.08 -6.78 -6.05
N LEU B 44 20.01 -5.85 -5.84
CA LEU B 44 19.74 -4.41 -5.89
C LEU B 44 19.26 -3.95 -7.26
N LYS B 45 19.23 -4.87 -8.22
CA LYS B 45 18.79 -4.55 -9.57
C LYS B 45 17.35 -5.01 -9.76
N ILE B 47 13.33 -4.73 -8.65
CA ILE B 47 12.28 -3.91 -8.04
C ILE B 47 11.56 -4.71 -6.94
N MET B 48 11.04 -5.88 -7.29
CA MET B 48 10.34 -6.74 -6.33
C MET B 48 11.21 -7.11 -5.15
N GLY B 49 12.44 -7.53 -5.43
CA GLY B 49 13.34 -7.90 -4.36
C GLY B 49 13.53 -6.74 -3.42
N VAL B 50 14.01 -5.61 -3.94
CA VAL B 50 14.25 -4.43 -3.12
C VAL B 50 12.99 -3.94 -2.37
N MET B 51 11.85 -3.96 -3.02
CA MET B 51 10.63 -3.50 -2.36
C MET B 51 10.00 -4.52 -1.42
N SER B 52 10.42 -5.77 -1.51
CA SER B 52 9.89 -6.83 -0.65
C SER B 52 10.56 -6.82 0.72
N LEU B 53 11.62 -6.04 0.86
CA LEU B 53 12.34 -5.95 2.13
C LEU B 53 11.73 -4.89 3.04
N GLY B 54 11.08 -3.90 2.45
CA GLY B 54 10.49 -2.84 3.25
C GLY B 54 11.50 -2.26 4.21
N ILE B 55 12.50 -1.57 3.68
CA ILE B 55 13.53 -0.97 4.50
C ILE B 55 13.10 0.40 5.02
N GLN B 56 12.79 0.43 6.31
CA GLN B 56 12.35 1.66 6.97
C GLN B 56 13.52 2.58 7.30
N LYS B 57 13.20 3.77 7.80
CA LYS B 57 14.20 4.77 8.17
C LYS B 57 14.95 4.35 9.44
N GLY B 58 16.26 4.60 9.45
CA GLY B 58 17.06 4.25 10.61
C GLY B 58 17.72 2.89 10.54
N ALA B 59 17.31 2.08 9.57
CA ALA B 59 17.87 0.75 9.40
C ALA B 59 19.29 0.80 8.85
N THR B 60 20.03 -0.28 9.02
CA THR B 60 21.39 -0.36 8.52
C THR B 60 21.44 -1.36 7.37
N ILE B 61 21.97 -0.91 6.23
CA ILE B 61 22.06 -1.77 5.05
C ILE B 61 23.48 -1.80 4.51
N THR B 62 23.78 -2.85 3.75
CA THR B 62 25.10 -3.02 3.16
C THR B 62 25.01 -3.45 1.70
N ILE B 63 25.29 -2.51 0.80
CA ILE B 63 25.26 -2.80 -0.63
C ILE B 63 26.60 -3.43 -1.03
N SER B 64 26.54 -4.57 -1.72
CA SER B 64 27.74 -5.26 -2.14
C SER B 64 27.85 -5.31 -3.66
N ALA B 65 29.09 -5.38 -4.16
CA ALA B 65 29.34 -5.43 -5.60
C ALA B 65 30.41 -6.47 -5.94
N GLU B 66 30.13 -7.29 -6.96
CA GLU B 66 31.04 -8.32 -7.42
C GLU B 66 31.05 -8.37 -8.94
N GLY B 67 32.08 -7.79 -9.55
CA GLY B 67 32.18 -7.78 -11.00
C GLY B 67 33.37 -7.03 -11.52
N SER B 68 33.41 -6.83 -12.83
CA SER B 68 34.53 -6.11 -13.46
C SER B 68 34.50 -4.61 -13.19
N ASP B 69 33.41 -4.12 -12.62
CA ASP B 69 33.28 -2.69 -12.33
C ASP B 69 32.76 -2.45 -10.92
N GLU B 70 33.25 -3.25 -9.98
CA GLU B 70 32.86 -3.16 -8.57
C GLU B 70 32.93 -1.74 -8.00
N ALA B 71 34.14 -1.25 -7.82
CA ALA B 71 34.35 0.08 -7.25
C ALA B 71 33.52 1.17 -7.94
N ASP B 72 33.34 1.04 -9.24
CA ASP B 72 32.55 2.01 -9.99
C ASP B 72 31.09 1.95 -9.58
N ALA B 73 30.54 0.73 -9.50
CA ALA B 73 29.15 0.55 -9.11
C ALA B 73 28.99 1.06 -7.68
N LEU B 74 29.78 0.51 -6.77
CA LEU B 74 29.74 0.87 -5.36
C LEU B 74 29.92 2.37 -5.11
N ALA B 75 30.78 3.01 -5.91
CA ALA B 75 31.02 4.44 -5.76
C ALA B 75 29.86 5.25 -6.32
N ALA B 76 29.33 4.82 -7.45
CA ALA B 76 28.21 5.50 -8.10
C ALA B 76 26.95 5.40 -7.24
N LEU B 77 26.80 4.26 -6.57
CA LEU B 77 25.66 4.01 -5.71
C LEU B 77 25.78 4.81 -4.41
N GLU B 78 27.00 4.99 -3.91
CA GLU B 78 27.21 5.77 -2.70
C GLU B 78 26.84 7.20 -3.01
N ASP B 79 27.03 7.57 -4.27
CA ASP B 79 26.73 8.91 -4.74
C ASP B 79 25.22 9.05 -4.89
N THR B 80 24.58 7.97 -5.31
CA THR B 80 23.13 7.94 -5.48
C THR B 80 22.47 7.91 -4.10
N MET B 81 23.11 7.20 -3.18
CA MET B 81 22.63 7.09 -1.82
C MET B 81 22.38 8.47 -1.22
N SER B 82 23.37 9.36 -1.32
CA SER B 82 23.27 10.72 -0.77
C SER B 82 22.58 11.68 -1.74
N LYS B 83 22.74 11.45 -3.04
CA LYS B 83 22.12 12.29 -4.05
C LYS B 83 20.60 12.18 -3.89
N GLU B 84 20.15 11.00 -3.47
CA GLU B 84 18.73 10.72 -3.26
C GLU B 84 18.28 10.90 -1.82
N GLY B 85 19.21 11.30 -0.96
CA GLY B 85 18.88 11.51 0.44
C GLY B 85 18.48 10.24 1.16
N LEU B 86 18.89 9.09 0.62
CA LEU B 86 18.57 7.82 1.23
C LEU B 86 19.37 7.57 2.51
N GLY B 87 20.68 7.80 2.44
CA GLY B 87 21.51 7.59 3.62
C GLY B 87 23.00 7.69 3.37
N GLU B 88 23.79 7.40 4.39
CA GLU B 88 25.24 7.45 4.29
C GLU B 88 25.87 6.92 5.57
#